data_6HLT
#
_entry.id   6HLT
#
_cell.length_a   54.429
_cell.length_b   78.955
_cell.length_c   70.587
_cell.angle_alpha   90.00
_cell.angle_beta   112.38
_cell.angle_gamma   90.00
#
_symmetry.space_group_name_H-M   'P 1 21 1'
#
loop_
_entity.id
_entity.type
_entity.pdbx_description
1 polymer 'Golgi resident protein GCP60'
2 polymer 'Genome polyprotein'
#
loop_
_entity_poly.entity_id
_entity_poly.type
_entity_poly.pdbx_seq_one_letter_code
_entity_poly.pdbx_strand_id
1 'polypeptide(L)'
;MESLPVIAAPSMWTRPQIKDFKEKIQQDADSVITVGRGEVVTVRVPTHEEGSYLFWEFATDNYDIGFGVYFEWTDSPNTA
VSVHVSESSDDDEEEEENIGCEEKAKKNANKPLLDEIVPVYRRDCHEEVYAGSHQYPGRGVYLLKFDNSYSLWRSKSVYY
RVYYTR
;
A,C
2 'polypeptide(L)' GAMGPVYKDLEIDVCNTPPPECINDLLKSVDSEEIREYCKKKKWIIPEIPTNIERAMNQ B,D
#
# COMPACT_ATOMS: atom_id res chain seq x y z
N LEU A 4 -21.73 23.11 20.66
CA LEU A 4 -20.89 22.07 21.28
C LEU A 4 -19.99 21.42 20.23
N PRO A 5 -18.97 20.66 20.68
CA PRO A 5 -18.12 19.97 19.71
C PRO A 5 -18.90 18.99 18.86
N VAL A 6 -18.75 19.07 17.55
CA VAL A 6 -19.36 18.10 16.66
C VAL A 6 -18.38 16.94 16.53
N ILE A 7 -18.89 15.73 16.69
CA ILE A 7 -18.07 14.52 16.62
C ILE A 7 -18.11 13.96 15.21
N ALA A 8 -16.94 13.76 14.63
CA ALA A 8 -16.84 13.18 13.30
C ALA A 8 -17.24 11.72 13.36
N ALA A 9 -17.72 11.20 12.25
CA ALA A 9 -18.14 9.81 12.21
C ALA A 9 -16.90 8.91 12.14
N PRO A 10 -16.95 7.75 12.84
CA PRO A 10 -15.85 6.81 12.73
C PRO A 10 -15.83 6.14 11.36
N SER A 11 -14.71 5.51 11.02
CA SER A 11 -14.61 4.69 9.83
C SER A 11 -14.34 3.26 10.26
N MET A 12 -14.98 2.29 9.60
CA MET A 12 -14.75 0.88 9.90
C MET A 12 -14.63 0.06 8.63
N TRP A 13 -13.89 -1.03 8.72
CA TRP A 13 -13.70 -1.91 7.58
C TRP A 13 -13.13 -3.24 8.05
N THR A 14 -12.83 -4.12 7.09
CA THR A 14 -12.23 -5.41 7.39
C THR A 14 -11.22 -5.78 6.34
N ARG A 15 -10.31 -6.68 6.70
CA ARG A 15 -9.32 -7.21 5.79
C ARG A 15 -9.28 -8.73 5.96
N PRO A 16 -9.16 -9.48 4.85
CA PRO A 16 -9.37 -10.92 4.87
C PRO A 16 -8.32 -11.73 5.63
N GLN A 17 -7.10 -11.21 5.82
CA GLN A 17 -6.04 -12.08 6.32
C GLN A 17 -6.02 -12.04 7.84
N ILE A 18 -6.66 -13.04 8.42
CA ILE A 18 -6.79 -13.14 9.86
C ILE A 18 -5.55 -13.82 10.43
N LYS A 19 -5.05 -14.83 9.73
CA LYS A 19 -3.98 -15.65 10.27
C LYS A 19 -2.70 -14.82 10.37
N ASP A 20 -2.51 -13.91 9.42
CA ASP A 20 -1.32 -13.06 9.44
C ASP A 20 -1.35 -12.13 10.64
N PHE A 21 -2.53 -11.57 10.93
CA PHE A 21 -2.69 -10.65 12.04
C PHE A 21 -2.31 -11.33 13.36
N LYS A 22 -2.98 -12.43 13.69
CA LYS A 22 -2.71 -13.15 14.94
C LYS A 22 -1.27 -13.62 15.03
N GLU A 23 -0.68 -13.95 13.88
CA GLU A 23 0.72 -14.34 13.82
C GLU A 23 1.61 -13.15 14.22
N LYS A 24 1.32 -11.99 13.63
CA LYS A 24 2.09 -10.77 13.88
C LYS A 24 1.97 -10.35 15.35
N ILE A 25 0.76 -10.44 15.91
CA ILE A 25 0.49 -10.06 17.30
C ILE A 25 1.35 -10.86 18.28
N GLN A 26 1.27 -12.18 18.20
CA GLN A 26 2.04 -13.07 19.06
C GLN A 26 3.55 -12.81 18.98
N GLN A 27 4.04 -12.51 17.78
CA GLN A 27 5.46 -12.19 17.58
C GLN A 27 5.88 -10.98 18.42
N ASP A 28 5.35 -9.80 18.08
CA ASP A 28 5.84 -8.54 18.61
C ASP A 28 5.78 -8.48 20.13
N ALA A 29 4.58 -8.71 20.67
CA ALA A 29 4.36 -8.69 22.11
C ALA A 29 3.43 -9.85 22.45
N ASP A 30 3.25 -10.11 23.74
CA ASP A 30 2.08 -10.86 24.14
C ASP A 30 1.09 -9.83 24.67
N SER A 31 0.13 -9.48 23.83
CA SER A 31 -1.09 -8.87 24.29
C SER A 31 -2.24 -9.59 23.63
N VAL A 32 -2.86 -10.47 24.38
CA VAL A 32 -4.01 -11.20 23.91
C VAL A 32 -4.93 -11.20 25.10
N ILE A 33 -6.06 -10.52 24.95
CA ILE A 33 -6.99 -10.41 26.05
C ILE A 33 -7.89 -11.64 26.02
N THR A 34 -8.01 -12.30 27.16
CA THR A 34 -8.97 -13.39 27.31
C THR A 34 -10.18 -12.87 28.06
N VAL A 35 -11.29 -12.71 27.34
CA VAL A 35 -12.51 -12.22 27.93
C VAL A 35 -13.30 -13.40 28.46
N GLY A 36 -13.49 -13.40 29.78
CA GLY A 36 -14.20 -14.45 30.45
C GLY A 36 -15.68 -14.44 30.10
N ARG A 37 -16.38 -15.44 30.58
CA ARG A 37 -17.81 -15.59 30.33
C ARG A 37 -18.57 -14.47 31.03
N GLY A 38 -19.45 -13.80 30.30
CA GLY A 38 -20.26 -12.71 30.84
C GLY A 38 -19.48 -11.46 31.20
N GLU A 39 -18.27 -11.33 30.67
CA GLU A 39 -17.38 -10.21 31.00
C GLU A 39 -17.32 -9.14 29.92
N VAL A 40 -17.07 -7.91 30.34
CA VAL A 40 -16.78 -6.81 29.44
C VAL A 40 -15.40 -6.23 29.77
N VAL A 41 -14.45 -6.41 28.84
CA VAL A 41 -13.14 -5.78 28.96
C VAL A 41 -13.11 -4.43 28.26
N THR A 42 -12.61 -3.42 28.97
CA THR A 42 -12.50 -2.07 28.43
C THR A 42 -11.04 -1.63 28.34
N VAL A 43 -10.54 -1.44 27.13
CA VAL A 43 -9.18 -0.95 26.92
C VAL A 43 -9.23 0.56 26.81
N ARG A 44 -8.61 1.25 27.77
CA ARG A 44 -8.57 2.71 27.77
C ARG A 44 -7.37 3.18 26.97
N VAL A 45 -7.63 4.05 26.00
CA VAL A 45 -6.61 4.54 25.10
C VAL A 45 -6.67 6.07 25.04
N PRO A 46 -5.85 6.75 25.85
CA PRO A 46 -5.90 8.21 25.86
C PRO A 46 -5.43 8.87 24.57
N THR A 47 -5.84 10.13 24.37
CA THR A 47 -5.41 10.93 23.23
C THR A 47 -4.07 11.56 23.52
N HIS A 48 -3.23 11.66 22.49
CA HIS A 48 -1.94 12.31 22.61
C HIS A 48 -2.03 13.79 22.24
N GLU A 49 -1.30 14.62 23.00
CA GLU A 49 -1.44 16.07 22.92
C GLU A 49 -1.42 16.56 21.48
N GLU A 50 -0.48 16.04 20.70
CA GLU A 50 -0.51 16.27 19.26
C GLU A 50 -0.83 14.94 18.59
N GLY A 51 -2.07 14.82 18.17
CA GLY A 51 -2.54 13.61 17.56
C GLY A 51 -3.88 13.92 16.92
N SER A 52 -4.21 13.15 15.89
CA SER A 52 -5.38 13.42 15.08
C SER A 52 -6.40 12.29 15.21
N TYR A 53 -5.97 11.07 14.90
CA TYR A 53 -6.86 9.92 14.84
C TYR A 53 -6.40 8.79 15.74
N LEU A 54 -7.35 7.94 16.12
CA LEU A 54 -7.00 6.64 16.69
C LEU A 54 -7.44 5.56 15.72
N PHE A 55 -6.51 4.68 15.38
CA PHE A 55 -6.78 3.49 14.59
C PHE A 55 -6.75 2.25 15.47
N TRP A 56 -7.74 1.39 15.30
CA TRP A 56 -7.79 0.14 16.07
C TRP A 56 -7.93 -1.06 15.12
N GLU A 57 -7.44 -2.21 15.59
CA GLU A 57 -7.65 -3.48 14.93
C GLU A 57 -7.97 -4.54 15.97
N PHE A 58 -8.87 -5.46 15.65
CA PHE A 58 -9.11 -6.57 16.55
C PHE A 58 -9.60 -7.81 15.81
N ALA A 59 -9.38 -8.96 16.45
CA ALA A 59 -9.74 -10.26 15.89
C ALA A 59 -9.92 -11.28 17.02
N THR A 60 -10.67 -12.35 16.73
CA THR A 60 -10.90 -13.39 17.72
C THR A 60 -10.65 -14.75 17.11
N ASP A 61 -10.44 -15.76 17.92
CA ASP A 61 -10.11 -17.09 17.40
C ASP A 61 -11.36 -17.85 16.97
N ASN A 62 -12.11 -18.37 17.93
CA ASN A 62 -13.17 -19.33 17.62
C ASN A 62 -14.59 -18.78 17.58
N TYR A 63 -14.78 -17.54 17.96
CA TYR A 63 -16.12 -17.03 18.24
C TYR A 63 -16.23 -15.54 18.00
N ASP A 64 -17.45 -15.06 17.86
CA ASP A 64 -17.67 -13.61 17.69
C ASP A 64 -17.46 -12.92 19.03
N ILE A 65 -17.55 -11.59 19.04
CA ILE A 65 -17.56 -10.84 20.29
C ILE A 65 -18.15 -9.46 20.05
N GLY A 66 -18.65 -8.83 21.11
CA GLY A 66 -19.15 -7.48 21.01
C GLY A 66 -18.01 -6.47 21.02
N PHE A 67 -18.11 -5.46 20.17
CA PHE A 67 -17.12 -4.41 20.10
C PHE A 67 -17.81 -3.06 19.97
N GLY A 68 -17.24 -2.06 20.61
CA GLY A 68 -17.74 -0.70 20.51
C GLY A 68 -16.66 0.26 20.93
N VAL A 69 -16.87 1.54 20.65
CA VAL A 69 -15.89 2.55 20.99
C VAL A 69 -16.62 3.74 21.61
N TYR A 70 -16.18 4.13 22.80
CA TYR A 70 -16.72 5.30 23.47
C TYR A 70 -15.59 6.30 23.67
N PHE A 71 -15.96 7.55 23.93
CA PHE A 71 -14.97 8.58 24.20
C PHE A 71 -15.30 9.31 25.49
N GLU A 72 -14.32 9.38 26.39
CA GLU A 72 -14.48 10.00 27.70
C GLU A 72 -13.75 11.33 27.74
N TRP A 73 -14.44 12.39 28.14
CA TRP A 73 -13.91 13.75 28.04
C TRP A 73 -13.04 14.19 29.22
N THR A 74 -12.53 15.42 29.14
CA THR A 74 -11.68 16.00 30.17
C THR A 74 -12.01 17.47 30.37
N PRO A 112 -17.56 12.61 34.48
CA PRO A 112 -17.07 11.71 33.42
C PRO A 112 -18.08 11.53 32.27
N LEU A 113 -18.06 12.46 31.30
CA LEU A 113 -18.95 12.36 30.14
C LEU A 113 -18.51 11.27 29.15
N LEU A 114 -19.50 10.69 28.48
CA LEU A 114 -19.24 9.61 27.54
C LEU A 114 -20.00 9.84 26.23
N ASP A 115 -19.26 9.89 25.14
CA ASP A 115 -19.85 9.90 23.81
C ASP A 115 -19.77 8.51 23.22
N GLU A 116 -20.76 8.09 22.48
CA GLU A 116 -20.70 6.77 21.89
C GLU A 116 -20.24 6.88 20.45
N ILE A 117 -19.11 6.28 20.12
CA ILE A 117 -18.53 6.48 18.83
C ILE A 117 -18.89 5.37 17.89
N VAL A 118 -18.65 4.16 18.32
CA VAL A 118 -19.16 3.02 17.64
C VAL A 118 -20.03 2.32 18.63
N PRO A 119 -21.31 2.24 18.34
CA PRO A 119 -22.22 1.57 19.29
C PRO A 119 -21.88 0.10 19.43
N VAL A 120 -22.01 -0.46 20.62
CA VAL A 120 -21.62 -1.85 20.85
C VAL A 120 -22.54 -2.81 20.11
N TYR A 121 -21.94 -3.65 19.28
CA TYR A 121 -22.67 -4.59 18.44
C TYR A 121 -21.77 -5.78 18.18
N ARG A 122 -22.38 -6.94 17.92
CA ARG A 122 -21.60 -8.15 17.74
C ARG A 122 -21.07 -8.23 16.33
N ARG A 123 -19.78 -8.53 16.23
CA ARG A 123 -19.07 -8.59 14.96
C ARG A 123 -18.57 -10.01 14.75
N ASP A 124 -18.50 -10.49 13.51
CA ASP A 124 -17.86 -11.79 13.30
C ASP A 124 -16.42 -11.54 12.91
N CYS A 125 -15.60 -11.36 13.92
CA CYS A 125 -14.20 -11.07 13.79
C CYS A 125 -13.39 -12.31 13.92
N HIS A 126 -14.04 -13.45 13.99
CA HIS A 126 -13.37 -14.75 13.94
C HIS A 126 -13.13 -15.13 12.49
N GLU A 127 -13.98 -14.60 11.60
CA GLU A 127 -13.84 -14.86 10.18
C GLU A 127 -12.77 -13.95 9.55
N GLU A 128 -12.77 -12.67 9.95
CA GLU A 128 -11.87 -11.66 9.40
C GLU A 128 -11.39 -10.67 10.46
N VAL A 129 -10.32 -9.95 10.15
CA VAL A 129 -9.84 -8.88 11.02
C VAL A 129 -10.73 -7.66 10.89
N TYR A 130 -11.02 -7.02 12.02
CA TYR A 130 -11.85 -5.83 12.04
C TYR A 130 -11.01 -4.62 12.39
N ALA A 131 -11.15 -3.58 11.59
CA ALA A 131 -10.40 -2.35 11.79
C ALA A 131 -11.32 -1.15 11.79
N GLY A 132 -10.79 -0.03 12.26
CA GLY A 132 -11.55 1.19 12.28
C GLY A 132 -10.68 2.35 12.70
N SER A 133 -11.23 3.56 12.53
CA SER A 133 -10.52 4.76 12.90
C SER A 133 -11.50 5.83 13.34
N HIS A 134 -11.02 6.79 14.12
CA HIS A 134 -11.83 7.95 14.46
C HIS A 134 -10.94 9.17 14.73
N GLN A 135 -11.45 10.35 14.37
CA GLN A 135 -10.76 11.61 14.61
C GLN A 135 -11.02 12.14 16.02
N TYR A 136 -9.98 12.63 16.68
CA TYR A 136 -10.10 13.14 18.04
C TYR A 136 -11.18 14.22 18.12
N PRO A 137 -12.20 14.03 18.98
CA PRO A 137 -13.14 15.12 19.22
C PRO A 137 -12.48 16.24 20.01
N GLY A 138 -11.50 15.86 20.82
CA GLY A 138 -10.83 16.79 21.69
C GLY A 138 -9.92 16.03 22.63
N ARG A 139 -9.60 16.63 23.77
CA ARG A 139 -8.76 15.98 24.76
C ARG A 139 -9.61 15.04 25.62
N GLY A 140 -9.25 13.76 25.60
CA GLY A 140 -9.97 12.74 26.35
C GLY A 140 -9.35 11.35 26.25
N VAL A 141 -10.16 10.34 26.57
CA VAL A 141 -9.72 8.95 26.57
C VAL A 141 -10.71 8.06 25.84
N TYR A 142 -10.21 7.29 24.85
CA TYR A 142 -11.04 6.32 24.15
C TYR A 142 -11.21 5.05 24.96
N LEU A 143 -12.46 4.56 25.02
CA LEU A 143 -12.76 3.29 25.65
C LEU A 143 -13.12 2.26 24.60
N LEU A 144 -12.25 1.29 24.37
CA LEU A 144 -12.55 0.19 23.46
C LEU A 144 -13.16 -0.92 24.29
N LYS A 145 -14.45 -1.17 24.07
CA LYS A 145 -15.17 -2.15 24.83
C LYS A 145 -15.24 -3.46 24.06
N PHE A 146 -14.70 -4.51 24.66
CA PHE A 146 -14.90 -5.87 24.17
C PHE A 146 -15.91 -6.56 25.09
N ASP A 147 -17.12 -6.76 24.56
CA ASP A 147 -18.28 -7.16 25.36
C ASP A 147 -18.67 -8.61 25.10
N ASN A 148 -18.40 -9.47 26.09
CA ASN A 148 -18.82 -10.87 26.09
C ASN A 148 -20.07 -11.15 26.93
N SER A 149 -20.71 -10.10 27.44
CA SER A 149 -21.81 -10.23 28.41
C SER A 149 -22.85 -11.28 28.05
N TYR A 150 -23.19 -11.36 26.77
CA TYR A 150 -24.22 -12.26 26.29
C TYR A 150 -23.82 -13.72 26.48
N SER A 151 -22.52 -14.02 26.33
CA SER A 151 -22.07 -15.40 26.29
C SER A 151 -22.04 -16.05 27.66
N LEU A 152 -22.82 -17.12 27.82
CA LEU A 152 -22.85 -17.85 29.07
C LEU A 152 -21.69 -18.81 29.24
N TRP A 153 -21.44 -19.61 28.22
CA TRP A 153 -20.48 -20.71 28.32
C TRP A 153 -19.10 -20.54 27.70
N ARG A 154 -18.86 -19.43 26.99
CA ARG A 154 -17.68 -19.34 26.11
C ARG A 154 -16.80 -18.13 26.36
N SER A 155 -15.55 -18.37 26.75
CA SER A 155 -14.54 -17.31 26.80
C SER A 155 -14.09 -16.96 25.39
N LYS A 156 -13.65 -15.72 25.20
CA LYS A 156 -13.20 -15.25 23.89
C LYS A 156 -11.76 -14.77 23.95
N SER A 157 -10.94 -15.25 23.01
CA SER A 157 -9.57 -14.77 22.85
C SER A 157 -9.51 -13.58 21.91
N VAL A 158 -9.02 -12.45 22.41
CA VAL A 158 -9.01 -11.20 21.66
C VAL A 158 -7.59 -10.74 21.37
N TYR A 159 -7.27 -10.69 20.09
CA TYR A 159 -6.03 -10.08 19.60
C TYR A 159 -6.35 -8.69 19.11
N TYR A 160 -5.65 -7.67 19.61
CA TYR A 160 -5.91 -6.30 19.20
C TYR A 160 -4.63 -5.50 18.99
N ARG A 161 -4.75 -4.45 18.19
CA ARG A 161 -3.64 -3.55 17.91
C ARG A 161 -4.17 -2.11 17.77
N VAL A 162 -3.43 -1.16 18.33
CA VAL A 162 -3.86 0.23 18.31
C VAL A 162 -2.75 1.12 17.77
N TYR A 163 -3.16 2.16 17.04
CA TYR A 163 -2.26 3.15 16.46
C TYR A 163 -2.84 4.53 16.62
N TYR A 164 -1.99 5.55 16.47
CA TYR A 164 -2.48 6.91 16.26
C TYR A 164 -1.62 7.66 15.23
N THR A 165 -2.22 8.65 14.57
CA THR A 165 -1.50 9.54 13.65
C THR A 165 -1.20 10.90 14.30
N ARG A 166 -0.45 11.75 13.58
CA ARG A 166 -0.02 13.07 14.08
C ARG A 166 -0.46 14.21 13.15
N PRO B 18 2.32 14.17 5.53
CA PRO B 18 1.38 13.04 5.54
C PRO B 18 0.05 13.39 6.23
N PRO B 19 -0.97 13.79 5.46
CA PRO B 19 -2.25 14.21 6.08
C PRO B 19 -3.02 13.04 6.70
N PRO B 20 -3.56 13.23 7.91
CA PRO B 20 -4.28 12.14 8.59
C PRO B 20 -5.43 11.54 7.80
N GLU B 21 -6.19 12.38 7.10
CA GLU B 21 -7.38 11.93 6.38
C GLU B 21 -7.02 10.99 5.22
N CYS B 22 -5.85 11.18 4.63
CA CYS B 22 -5.42 10.36 3.49
C CYS B 22 -4.84 9.02 3.91
N ILE B 23 -4.22 8.99 5.09
CA ILE B 23 -3.70 7.74 5.65
C ILE B 23 -4.86 6.78 5.88
N ASN B 24 -6.02 7.36 6.15
CA ASN B 24 -7.21 6.56 6.42
C ASN B 24 -7.81 5.93 5.16
N ASP B 25 -7.89 6.71 4.08
CA ASP B 25 -8.47 6.20 2.83
C ASP B 25 -7.64 5.04 2.28
N LEU B 26 -6.32 5.14 2.47
CA LEU B 26 -5.42 4.09 2.07
C LEU B 26 -5.77 2.78 2.77
N LEU B 27 -5.61 2.76 4.09
CA LEU B 27 -5.82 1.57 4.91
C LEU B 27 -7.22 0.96 4.69
N LYS B 28 -8.24 1.80 4.49
CA LYS B 28 -9.56 1.30 4.14
C LYS B 28 -9.48 0.43 2.90
N SER B 29 -8.96 1.01 1.83
CA SER B 29 -8.93 0.41 0.51
C SER B 29 -7.92 -0.73 0.40
N VAL B 30 -6.69 -0.46 0.83
CA VAL B 30 -5.64 -1.47 0.83
C VAL B 30 -5.08 -1.63 2.23
N ASP B 31 -5.31 -2.80 2.82
CA ASP B 31 -4.91 -3.05 4.20
C ASP B 31 -4.19 -4.37 4.28
N SER B 32 -3.01 -4.34 4.86
CA SER B 32 -2.28 -5.57 5.14
C SER B 32 -1.19 -5.28 6.15
N GLU B 33 -0.47 -6.31 6.57
CA GLU B 33 0.66 -6.12 7.45
C GLU B 33 1.72 -5.26 6.76
N GLU B 34 1.77 -5.35 5.43
CA GLU B 34 2.76 -4.63 4.65
C GLU B 34 2.53 -3.12 4.72
N ILE B 35 1.30 -2.69 4.47
CA ILE B 35 0.91 -1.27 4.58
C ILE B 35 1.09 -0.75 6.00
N ARG B 36 0.74 -1.58 6.99
CA ARG B 36 0.84 -1.17 8.37
C ARG B 36 2.29 -0.93 8.77
N GLU B 37 3.16 -1.88 8.44
CA GLU B 37 4.58 -1.74 8.75
C GLU B 37 5.22 -0.56 7.99
N TYR B 38 4.82 -0.36 6.74
CA TYR B 38 5.33 0.78 5.97
C TYR B 38 4.88 2.09 6.60
N CYS B 39 3.61 2.17 6.98
CA CYS B 39 3.08 3.37 7.62
C CYS B 39 3.74 3.57 8.99
N LYS B 40 4.16 2.48 9.61
CA LYS B 40 4.97 2.56 10.83
C LYS B 40 6.37 3.08 10.51
N LYS B 41 6.96 2.58 9.42
CA LYS B 41 8.29 3.03 8.98
C LYS B 41 8.36 4.54 8.77
N LYS B 42 7.36 5.08 8.08
CA LYS B 42 7.33 6.50 7.71
C LYS B 42 6.78 7.35 8.86
N LYS B 43 6.46 6.69 9.97
CA LYS B 43 5.95 7.34 11.18
C LYS B 43 4.66 8.13 10.92
N TRP B 44 3.88 7.62 9.97
CA TRP B 44 2.55 8.17 9.68
C TRP B 44 1.59 7.69 10.76
N ILE B 45 1.69 6.41 11.10
CA ILE B 45 1.02 5.83 12.25
C ILE B 45 2.06 5.45 13.30
N ILE B 46 1.79 5.84 14.56
CA ILE B 46 2.68 5.58 15.69
C ILE B 46 2.03 4.51 16.55
N PRO B 47 2.77 3.45 16.90
CA PRO B 47 2.17 2.44 17.79
C PRO B 47 1.68 3.03 19.10
N GLU B 48 0.49 2.61 19.51
CA GLU B 48 -0.21 3.14 20.67
C GLU B 48 -0.05 2.22 21.88
N ILE B 49 0.01 2.83 23.06
CA ILE B 49 0.14 2.10 24.32
C ILE B 49 -1.05 2.38 25.23
N PRO B 50 -1.95 1.39 25.43
CA PRO B 50 -3.11 1.67 26.28
C PRO B 50 -2.72 1.86 27.73
N THR B 51 -3.58 2.52 28.48
CA THR B 51 -3.30 2.71 29.88
C THR B 51 -3.86 1.57 30.69
N ASN B 52 -5.16 1.60 30.93
CA ASN B 52 -5.78 0.66 31.83
C ASN B 52 -6.62 -0.31 31.06
N ILE B 53 -6.70 -1.53 31.57
CA ILE B 53 -7.60 -2.51 31.00
C ILE B 53 -8.47 -3.02 32.13
N GLU B 54 -9.76 -2.65 32.04
CA GLU B 54 -10.71 -2.82 33.12
C GLU B 54 -11.54 -4.06 32.83
N ARG B 55 -11.98 -4.75 33.88
CA ARG B 55 -12.79 -5.96 33.76
C ARG B 55 -14.07 -5.85 34.60
N ALA B 56 -15.21 -6.15 33.99
CA ALA B 56 -16.52 -6.04 34.67
C ALA B 56 -17.35 -7.29 34.40
N MET B 57 -18.46 -7.44 35.13
CA MET B 57 -19.37 -8.57 34.95
C MET B 57 -20.81 -8.10 34.69
N LEU C 4 22.65 24.99 -17.26
CA LEU C 4 21.77 24.15 -18.06
C LEU C 4 20.73 23.45 -17.17
N PRO C 5 19.72 22.82 -17.80
CA PRO C 5 18.77 22.02 -17.03
C PRO C 5 19.47 20.90 -16.28
N VAL C 6 19.05 20.64 -15.05
CA VAL C 6 19.60 19.53 -14.31
C VAL C 6 18.58 18.39 -14.39
N ILE C 7 19.08 17.17 -14.50
CA ILE C 7 18.24 16.00 -14.65
C ILE C 7 18.25 15.21 -13.34
N ALA C 8 17.06 14.84 -12.88
CA ALA C 8 16.93 14.08 -11.64
C ALA C 8 17.38 12.65 -11.86
N ALA C 9 17.80 11.99 -10.78
CA ALA C 9 18.18 10.60 -10.89
C ALA C 9 16.92 9.75 -10.98
N PRO C 10 16.97 8.68 -11.78
CA PRO C 10 15.82 7.79 -11.79
C PRO C 10 15.77 6.95 -10.50
N SER C 11 14.62 6.33 -10.25
CA SER C 11 14.49 5.35 -9.20
C SER C 11 14.35 3.99 -9.87
N MET C 12 14.93 2.96 -9.26
CA MET C 12 14.77 1.60 -9.77
C MET C 12 14.64 0.62 -8.61
N TRP C 13 13.72 -0.33 -8.76
CA TRP C 13 13.53 -1.36 -7.76
C TRP C 13 12.96 -2.62 -8.39
N THR C 14 12.72 -3.62 -7.55
CA THR C 14 12.16 -4.89 -7.99
C THR C 14 11.14 -5.39 -7.01
N ARG C 15 10.20 -6.20 -7.50
CA ARG C 15 9.23 -6.85 -6.63
C ARG C 15 9.13 -8.33 -7.00
N PRO C 16 8.91 -9.18 -5.99
CA PRO C 16 9.05 -10.63 -6.18
C PRO C 16 7.99 -11.27 -7.08
N GLN C 17 6.80 -10.68 -7.17
CA GLN C 17 5.69 -11.28 -7.89
C GLN C 17 5.80 -11.06 -9.39
N ILE C 18 6.28 -12.09 -10.09
CA ILE C 18 6.39 -12.03 -11.53
C ILE C 18 5.17 -12.66 -12.18
N LYS C 19 4.74 -13.78 -11.61
CA LYS C 19 3.62 -14.52 -12.16
C LYS C 19 2.36 -13.68 -12.12
N ASP C 20 2.18 -12.94 -11.02
CA ASP C 20 1.01 -12.08 -10.87
C ASP C 20 1.09 -10.90 -11.83
N PHE C 21 2.29 -10.40 -12.07
CA PHE C 21 2.46 -9.29 -12.99
C PHE C 21 2.15 -9.69 -14.43
N LYS C 22 2.75 -10.78 -14.87
CA LYS C 22 2.51 -11.29 -16.22
C LYS C 22 1.03 -11.60 -16.44
N GLU C 23 0.39 -12.19 -15.42
CA GLU C 23 -1.04 -12.46 -15.46
C GLU C 23 -1.82 -11.19 -15.81
N LYS C 24 -1.48 -10.10 -15.14
CA LYS C 24 -2.18 -8.83 -15.30
C LYS C 24 -1.95 -8.21 -16.68
N ILE C 25 -0.77 -8.43 -17.28
CA ILE C 25 -0.44 -7.90 -18.60
C ILE C 25 -1.14 -8.67 -19.71
N GLN C 26 -1.09 -10.00 -19.63
CA GLN C 26 -1.72 -10.85 -20.62
C GLN C 26 -3.24 -10.77 -20.57
N GLN C 27 -3.76 -10.12 -19.53
CA GLN C 27 -5.19 -10.06 -19.29
C GLN C 27 -5.97 -9.40 -20.43
N ASP C 28 -5.43 -8.32 -20.98
CA ASP C 28 -6.14 -7.54 -22.01
C ASP C 28 -5.32 -7.20 -23.26
N ALA C 29 -4.33 -6.33 -23.08
CA ALA C 29 -3.80 -5.54 -24.18
C ALA C 29 -3.03 -6.31 -25.26
N ASP C 30 -2.71 -7.58 -25.01
CA ASP C 30 -1.74 -8.30 -25.86
C ASP C 30 -0.49 -7.43 -25.95
N SER C 31 -0.01 -7.05 -24.77
CA SER C 31 1.04 -6.04 -24.64
C SER C 31 2.43 -6.66 -24.72
N VAL C 32 2.49 -7.97 -24.98
CA VAL C 32 3.76 -8.66 -24.92
C VAL C 32 4.57 -8.40 -26.19
N ILE C 33 5.77 -7.87 -26.00
CA ILE C 33 6.72 -7.62 -27.07
C ILE C 33 7.66 -8.81 -27.22
N THR C 34 7.88 -9.25 -28.46
CA THR C 34 8.84 -10.32 -28.71
C THR C 34 10.10 -9.74 -29.36
N VAL C 35 11.17 -9.69 -28.59
CA VAL C 35 12.42 -9.11 -29.07
C VAL C 35 13.25 -10.23 -29.67
N GLY C 36 13.42 -10.14 -30.98
CA GLY C 36 14.12 -11.16 -31.73
C GLY C 36 15.61 -11.15 -31.50
N ARG C 37 16.26 -12.15 -32.08
CA ARG C 37 17.68 -12.34 -31.93
C ARG C 37 18.39 -11.11 -32.48
N GLY C 38 19.27 -10.53 -31.67
CA GLY C 38 20.05 -9.37 -32.06
C GLY C 38 19.28 -8.08 -32.27
N GLU C 39 18.02 -8.04 -31.83
CA GLU C 39 17.16 -6.86 -32.02
C GLU C 39 17.24 -5.88 -30.84
N VAL C 40 17.12 -4.59 -31.14
CA VAL C 40 16.92 -3.57 -30.13
C VAL C 40 15.55 -2.93 -30.31
N VAL C 41 14.66 -3.22 -29.37
CA VAL C 41 13.34 -2.62 -29.36
C VAL C 41 13.39 -1.31 -28.57
N THR C 42 12.82 -0.25 -29.12
CA THR C 42 12.71 1.02 -28.40
C THR C 42 11.25 1.43 -28.25
N VAL C 43 10.77 1.48 -27.01
CA VAL C 43 9.39 1.93 -26.75
C VAL C 43 9.40 3.43 -26.44
N ARG C 44 8.69 4.19 -27.27
CA ARG C 44 8.67 5.65 -27.18
C ARG C 44 7.44 6.10 -26.41
N VAL C 45 7.67 6.67 -25.22
CA VAL C 45 6.60 7.13 -24.35
C VAL C 45 6.71 8.64 -24.14
N PRO C 46 5.77 9.40 -24.70
CA PRO C 46 5.85 10.87 -24.62
C PRO C 46 5.51 11.42 -23.23
N THR C 47 5.87 12.68 -22.99
CA THR C 47 5.50 13.37 -21.75
C THR C 47 4.21 14.13 -21.98
N HIS C 48 3.33 14.06 -21.01
CA HIS C 48 2.03 14.69 -21.11
C HIS C 48 1.93 16.11 -20.60
N GLU C 49 0.97 16.82 -21.15
CA GLU C 49 0.91 18.27 -20.98
C GLU C 49 1.14 18.63 -19.53
N GLU C 50 0.31 18.06 -18.67
CA GLU C 50 0.52 18.13 -17.24
C GLU C 50 0.85 16.72 -16.77
N GLY C 51 2.12 16.52 -16.48
CA GLY C 51 2.59 15.26 -15.96
C GLY C 51 3.88 15.55 -15.22
N SER C 52 4.19 14.69 -14.26
CA SER C 52 5.29 14.92 -13.35
C SER C 52 6.37 13.87 -13.58
N TYR C 53 5.97 12.61 -13.44
CA TYR C 53 6.88 11.46 -13.46
C TYR C 53 6.41 10.45 -14.49
N LEU C 54 7.36 9.63 -14.99
CA LEU C 54 7.03 8.42 -15.73
C LEU C 54 7.42 7.18 -14.92
N PHE C 55 6.50 6.22 -14.85
CA PHE C 55 6.75 4.96 -14.15
C PHE C 55 6.74 3.81 -15.13
N TRP C 56 7.71 2.92 -15.01
CA TRP C 56 7.78 1.75 -15.89
C TRP C 56 7.93 0.45 -15.07
N GLU C 57 7.44 -0.64 -15.65
CA GLU C 57 7.65 -1.98 -15.11
C GLU C 57 7.93 -2.89 -16.28
N PHE C 58 8.80 -3.87 -16.12
CA PHE C 58 8.99 -4.86 -17.16
C PHE C 58 9.48 -6.19 -16.61
N ALA C 59 9.20 -7.24 -17.38
CA ALA C 59 9.65 -8.58 -17.04
C ALA C 59 9.82 -9.43 -18.29
N THR C 60 10.61 -10.49 -18.18
CA THR C 60 10.81 -11.42 -19.28
C THR C 60 10.46 -12.81 -18.81
N ASP C 61 10.22 -13.72 -19.75
CA ASP C 61 9.89 -15.08 -19.38
C ASP C 61 11.13 -15.89 -18.99
N ASN C 62 11.93 -16.29 -19.98
CA ASN C 62 13.00 -17.25 -19.73
C ASN C 62 14.45 -16.75 -19.62
N TYR C 63 14.69 -15.48 -19.88
CA TYR C 63 16.08 -15.00 -20.02
C TYR C 63 16.19 -13.55 -19.63
N ASP C 64 17.40 -13.10 -19.37
CA ASP C 64 17.65 -11.68 -19.12
C ASP C 64 17.50 -10.91 -20.43
N ILE C 65 17.35 -9.59 -20.30
CA ILE C 65 17.42 -8.71 -21.47
C ILE C 65 18.02 -7.38 -21.04
N GLY C 66 18.69 -6.70 -21.97
CA GLY C 66 19.26 -5.39 -21.70
C GLY C 66 18.17 -4.34 -21.60
N PHE C 67 18.34 -3.42 -20.65
CA PHE C 67 17.36 -2.36 -20.44
C PHE C 67 18.06 -1.06 -20.12
N GLY C 68 17.51 0.02 -20.67
CA GLY C 68 17.98 1.36 -20.38
C GLY C 68 16.88 2.32 -20.74
N VAL C 69 17.01 3.58 -20.33
CA VAL C 69 16.01 4.59 -20.59
C VAL C 69 16.71 5.87 -21.05
N TYR C 70 16.21 6.45 -22.13
CA TYR C 70 16.75 7.69 -22.64
C TYR C 70 15.62 8.70 -22.75
N PHE C 71 15.96 9.97 -22.82
CA PHE C 71 14.98 11.04 -22.97
C PHE C 71 15.35 11.94 -24.15
N GLU C 72 14.43 12.03 -25.13
CA GLU C 72 14.59 12.85 -26.31
C GLU C 72 13.84 14.17 -26.16
N TRP C 73 14.54 15.29 -26.32
CA TRP C 73 13.95 16.61 -26.13
C TRP C 73 13.08 17.11 -27.29
N THR C 74 12.20 18.06 -26.97
CA THR C 74 11.35 18.72 -27.97
C THR C 74 11.80 20.16 -28.20
N PRO C 112 18.71 15.59 -32.81
CA PRO C 112 17.97 15.06 -31.66
C PRO C 112 18.85 14.84 -30.43
N LEU C 113 18.66 15.65 -29.39
CA LEU C 113 19.47 15.54 -28.18
C LEU C 113 18.91 14.52 -27.19
N LEU C 114 19.71 13.48 -26.93
CA LEU C 114 19.33 12.41 -26.01
C LEU C 114 20.11 12.51 -24.70
N ASP C 115 19.37 12.45 -23.59
CA ASP C 115 20.00 12.36 -22.28
C ASP C 115 19.92 10.92 -21.77
N GLU C 116 20.95 10.45 -21.13
CA GLU C 116 20.96 9.08 -20.64
C GLU C 116 20.46 9.04 -19.23
N ILE C 117 19.37 8.35 -18.99
CA ILE C 117 18.79 8.32 -17.68
C ILE C 117 19.12 7.05 -16.98
N VAL C 118 18.83 5.94 -17.61
CA VAL C 118 19.30 4.68 -17.13
C VAL C 118 20.22 4.12 -18.16
N PRO C 119 21.47 3.96 -17.83
CA PRO C 119 22.37 3.39 -18.83
C PRO C 119 21.94 1.97 -19.16
N VAL C 120 22.23 1.51 -20.37
CA VAL C 120 21.78 0.19 -20.79
C VAL C 120 22.68 -0.87 -20.18
N TYR C 121 22.07 -1.76 -19.40
CA TYR C 121 22.76 -2.87 -18.75
C TYR C 121 21.80 -4.06 -18.74
N ARG C 122 22.35 -5.26 -18.58
CA ARG C 122 21.54 -6.47 -18.57
C ARG C 122 21.00 -6.73 -17.17
N ARG C 123 19.69 -6.91 -17.09
CA ARG C 123 19.00 -7.16 -15.82
C ARG C 123 18.48 -8.58 -15.82
N ASP C 124 18.35 -9.20 -14.65
CA ASP C 124 17.69 -10.49 -14.62
C ASP C 124 16.26 -10.21 -14.19
N CYS C 125 15.39 -10.09 -15.17
CA CYS C 125 14.02 -9.76 -14.92
C CYS C 125 13.15 -10.91 -15.31
N HIS C 126 13.73 -12.07 -15.43
CA HIS C 126 13.01 -13.34 -15.47
C HIS C 126 12.82 -13.87 -14.05
N GLU C 127 13.70 -13.47 -13.15
CA GLU C 127 13.62 -13.84 -11.73
C GLU C 127 12.62 -12.96 -10.97
N GLU C 128 12.67 -11.65 -11.24
CA GLU C 128 11.83 -10.67 -10.55
C GLU C 128 11.34 -9.58 -11.50
N VAL C 129 10.22 -8.95 -11.17
CA VAL C 129 9.73 -7.80 -11.94
C VAL C 129 10.62 -6.60 -11.71
N TYR C 130 11.08 -5.99 -12.81
CA TYR C 130 11.91 -4.80 -12.72
C TYR C 130 11.07 -3.56 -12.96
N ALA C 131 11.26 -2.57 -12.11
CA ALA C 131 10.49 -1.34 -12.17
C ALA C 131 11.37 -0.15 -11.88
N GLY C 132 10.85 1.04 -12.19
CA GLY C 132 11.58 2.26 -11.96
C GLY C 132 10.73 3.48 -12.27
N SER C 133 11.29 4.65 -12.02
CA SER C 133 10.58 5.89 -12.29
C SER C 133 11.56 7.04 -12.53
N HIS C 134 11.08 8.08 -13.18
CA HIS C 134 11.89 9.28 -13.37
C HIS C 134 11.05 10.55 -13.52
N GLN C 135 11.58 11.65 -13.01
CA GLN C 135 10.91 12.94 -13.06
C GLN C 135 11.19 13.72 -14.36
N TYR C 136 10.13 14.23 -14.98
CA TYR C 136 10.25 14.94 -16.25
C TYR C 136 11.31 16.05 -16.13
N PRO C 137 12.34 16.00 -16.99
CA PRO C 137 13.26 17.14 -17.12
C PRO C 137 12.59 18.31 -17.84
N GLY C 138 11.63 17.97 -18.70
CA GLY C 138 10.94 18.94 -19.52
C GLY C 138 10.06 18.25 -20.54
N ARG C 139 9.74 18.95 -21.62
CA ARG C 139 8.91 18.40 -22.68
C ARG C 139 9.74 17.52 -23.60
N GLY C 140 9.31 16.28 -23.78
CA GLY C 140 10.02 15.35 -24.65
C GLY C 140 9.40 13.95 -24.67
N VAL C 141 10.21 13.00 -25.12
CA VAL C 141 9.78 11.60 -25.27
C VAL C 141 10.78 10.70 -24.56
N TYR C 142 10.27 9.74 -23.80
CA TYR C 142 11.12 8.75 -23.16
C TYR C 142 11.31 7.56 -24.07
N LEU C 143 12.55 7.12 -24.18
CA LEU C 143 12.89 5.96 -24.97
C LEU C 143 13.23 4.81 -24.04
N LEU C 144 12.38 3.79 -24.00
CA LEU C 144 12.67 2.59 -23.26
C LEU C 144 13.36 1.61 -24.20
N LYS C 145 14.63 1.35 -23.93
CA LYS C 145 15.43 0.45 -24.73
C LYS C 145 15.39 -0.95 -24.15
N PHE C 146 14.88 -1.90 -24.91
CA PHE C 146 15.00 -3.32 -24.57
C PHE C 146 15.99 -3.95 -25.56
N ASP C 147 17.19 -4.25 -25.07
CA ASP C 147 18.34 -4.58 -25.92
C ASP C 147 18.70 -6.07 -25.86
N ASN C 148 18.43 -6.78 -26.95
CA ASN C 148 18.83 -8.18 -27.11
C ASN C 148 20.10 -8.41 -27.96
N SER C 149 20.79 -7.33 -28.35
CA SER C 149 21.91 -7.39 -29.30
C SER C 149 22.98 -8.45 -29.01
N TYR C 150 23.19 -8.73 -27.74
CA TYR C 150 24.17 -9.70 -27.31
C TYR C 150 23.72 -11.13 -27.65
N SER C 151 22.42 -11.37 -27.72
CA SER C 151 21.90 -12.73 -27.85
C SER C 151 21.84 -13.20 -29.29
N LEU C 152 22.64 -14.22 -29.61
CA LEU C 152 22.65 -14.79 -30.95
C LEU C 152 21.48 -15.71 -31.24
N TRP C 153 21.22 -16.66 -30.33
CA TRP C 153 20.26 -17.73 -30.56
C TRP C 153 18.90 -17.62 -29.89
N ARG C 154 18.70 -16.60 -29.05
CA ARG C 154 17.53 -16.56 -28.16
C ARG C 154 16.72 -15.28 -28.29
N SER C 155 15.47 -15.43 -28.71
CA SER C 155 14.50 -14.34 -28.67
C SER C 155 14.01 -14.15 -27.25
N LYS C 156 13.47 -12.96 -26.96
CA LYS C 156 12.98 -12.65 -25.62
C LYS C 156 11.54 -12.18 -25.70
N SER C 157 10.73 -12.62 -24.75
CA SER C 157 9.38 -12.10 -24.56
C SER C 157 9.39 -11.10 -23.42
N VAL C 158 8.99 -9.87 -23.73
CA VAL C 158 9.00 -8.77 -22.78
C VAL C 158 7.57 -8.32 -22.46
N TYR C 159 7.19 -8.49 -21.19
CA TYR C 159 5.97 -7.92 -20.64
C TYR C 159 6.30 -6.59 -20.01
N TYR C 160 5.57 -5.53 -20.37
CA TYR C 160 5.90 -4.19 -19.85
C TYR C 160 4.64 -3.38 -19.56
N ARG C 161 4.76 -2.42 -18.65
CA ARG C 161 3.67 -1.54 -18.27
C ARG C 161 4.17 -0.12 -17.98
N VAL C 162 3.39 0.89 -18.37
CA VAL C 162 3.81 2.28 -18.20
C VAL C 162 2.68 3.14 -17.67
N TYR C 163 3.04 4.02 -16.76
CA TYR C 163 2.10 4.98 -16.18
C TYR C 163 2.71 6.37 -16.19
N TYR C 164 1.90 7.36 -15.82
CA TYR C 164 2.43 8.68 -15.51
C TYR C 164 1.57 9.32 -14.42
N THR C 165 2.20 10.17 -13.62
CA THR C 165 1.52 10.92 -12.57
C THR C 165 1.22 12.35 -13.01
N ARG C 166 0.54 13.10 -12.15
CA ARG C 166 0.14 14.48 -12.43
C ARG C 166 0.44 15.39 -11.24
N PRO D 18 -2.10 15.01 -3.98
CA PRO D 18 -1.14 13.94 -3.69
C PRO D 18 0.17 14.13 -4.43
N PRO D 19 1.27 14.48 -3.73
CA PRO D 19 2.56 14.74 -4.38
C PRO D 19 3.10 13.55 -5.17
N PRO D 20 3.77 13.80 -6.30
CA PRO D 20 4.41 12.70 -7.05
C PRO D 20 5.57 12.05 -6.32
N GLU D 21 6.31 12.85 -5.55
CA GLU D 21 7.44 12.33 -4.79
C GLU D 21 6.99 11.30 -3.75
N CYS D 22 5.78 11.47 -3.22
CA CYS D 22 5.24 10.57 -2.21
C CYS D 22 4.66 9.29 -2.83
N ILE D 23 4.11 9.41 -4.03
CA ILE D 23 3.61 8.25 -4.77
C ILE D 23 4.78 7.34 -5.14
N ASN D 24 5.94 7.96 -5.36
CA ASN D 24 7.13 7.23 -5.72
C ASN D 24 7.67 6.39 -4.56
N ASP D 25 7.82 7.00 -3.38
CA ASP D 25 8.40 6.31 -2.21
C ASP D 25 7.53 5.14 -1.76
N LEU D 26 6.23 5.26 -2.01
CA LEU D 26 5.28 4.19 -1.75
C LEU D 26 5.60 2.95 -2.57
N LEU D 27 5.62 3.10 -3.89
CA LEU D 27 5.81 1.98 -4.81
C LEU D 27 7.22 1.37 -4.72
N LYS D 28 8.21 2.13 -4.26
CA LYS D 28 9.52 1.53 -3.99
C LYS D 28 9.37 0.46 -2.92
N SER D 29 8.86 0.91 -1.78
CA SER D 29 8.86 0.14 -0.54
C SER D 29 7.88 -1.02 -0.52
N VAL D 30 6.61 -0.76 -0.83
CA VAL D 30 5.59 -1.80 -0.98
C VAL D 30 4.96 -1.75 -2.37
N ASP D 31 5.23 -2.76 -3.19
CA ASP D 31 4.75 -2.78 -4.57
C ASP D 31 4.07 -4.11 -4.85
N SER D 32 2.87 -4.00 -5.40
CA SER D 32 2.07 -5.16 -5.77
C SER D 32 1.00 -4.73 -6.75
N GLU D 33 0.24 -5.69 -7.25
CA GLU D 33 -0.83 -5.37 -8.18
C GLU D 33 -1.92 -4.57 -7.48
N GLU D 34 -2.01 -4.73 -6.16
CA GLU D 34 -3.06 -4.08 -5.38
C GLU D 34 -2.81 -2.59 -5.19
N ILE D 35 -1.56 -2.23 -4.91
CA ILE D 35 -1.17 -0.81 -4.79
C ILE D 35 -1.26 -0.12 -6.14
N ARG D 36 -0.85 -0.82 -7.18
CA ARG D 36 -0.97 -0.32 -8.54
C ARG D 36 -2.43 -0.01 -8.86
N GLU D 37 -3.33 -0.90 -8.47
CA GLU D 37 -4.76 -0.71 -8.70
C GLU D 37 -5.29 0.48 -7.92
N TYR D 38 -4.95 0.55 -6.63
CA TYR D 38 -5.45 1.62 -5.78
C TYR D 38 -4.96 2.97 -6.27
N CYS D 39 -3.73 3.00 -6.77
CA CYS D 39 -3.15 4.23 -7.29
C CYS D 39 -3.81 4.60 -8.62
N LYS D 40 -4.24 3.59 -9.38
CA LYS D 40 -5.01 3.81 -10.61
C LYS D 40 -6.45 4.24 -10.32
N LYS D 41 -7.04 3.66 -9.27
CA LYS D 41 -8.38 4.07 -8.81
C LYS D 41 -8.42 5.55 -8.45
N LYS D 42 -7.51 5.98 -7.58
CA LYS D 42 -7.44 7.38 -7.13
C LYS D 42 -6.88 8.28 -8.24
N LYS D 43 -6.48 7.66 -9.35
CA LYS D 43 -5.95 8.37 -10.51
C LYS D 43 -4.67 9.12 -10.15
N TRP D 44 -3.91 8.55 -9.23
CA TRP D 44 -2.61 9.09 -8.86
C TRP D 44 -1.62 8.75 -9.96
N ILE D 45 -1.79 7.57 -10.52
CA ILE D 45 -1.04 7.12 -11.69
C ILE D 45 -2.02 6.85 -12.83
N ILE D 46 -1.72 7.40 -14.00
CA ILE D 46 -2.57 7.24 -15.19
C ILE D 46 -1.89 6.29 -16.16
N PRO D 47 -2.59 5.22 -16.56
CA PRO D 47 -1.94 4.33 -17.54
C PRO D 47 -1.61 5.08 -18.83
N GLU D 48 -0.56 4.65 -19.52
CA GLU D 48 -0.13 5.34 -20.74
C GLU D 48 0.10 4.36 -21.88
N ILE D 49 -0.25 4.81 -23.07
CA ILE D 49 -0.04 4.03 -24.29
C ILE D 49 1.15 4.65 -25.03
N PRO D 50 2.16 3.84 -25.33
CA PRO D 50 3.25 4.40 -26.13
C PRO D 50 2.82 4.64 -27.57
N THR D 51 3.46 5.61 -28.22
CA THR D 51 3.16 5.94 -29.60
C THR D 51 3.89 5.05 -30.60
N ASN D 52 5.04 4.51 -30.22
CA ASN D 52 5.89 3.76 -31.14
C ASN D 52 6.63 2.63 -30.45
N ILE D 53 6.81 1.53 -31.16
CA ILE D 53 7.82 0.57 -30.75
C ILE D 53 8.78 0.38 -31.93
N GLU D 54 9.98 0.93 -31.82
CA GLU D 54 10.95 0.85 -32.91
C GLU D 54 11.78 -0.44 -32.82
N ARG D 55 12.01 -1.07 -33.97
CA ARG D 55 12.88 -2.23 -34.07
C ARG D 55 14.10 -1.95 -34.96
N ALA D 56 15.25 -2.52 -34.59
CA ALA D 56 16.48 -2.30 -35.32
C ALA D 56 17.45 -3.49 -35.14
N MET D 57 18.43 -3.61 -36.03
CA MET D 57 19.54 -4.58 -35.89
C MET D 57 20.85 -3.92 -36.29
#